data_4QJF
#
_entry.id   4QJF
#
_cell.length_a   42.465
_cell.length_b   80.942
_cell.length_c   97.413
_cell.angle_alpha   90.00
_cell.angle_beta   90.00
_cell.angle_gamma   90.00
#
_symmetry.space_group_name_H-M   'P 21 21 21'
#
loop_
_entity.id
_entity.type
_entity.pdbx_description
1 polymer "DNA-directed RNA polymerase, subunit E'"
2 polymer 'DNA-directed RNA polymerase, subunit F'
3 water water
#
loop_
_entity_poly.entity_id
_entity_poly.type
_entity_poly.pdbx_seq_one_letter_code
_entity_poly.pdbx_strand_id
1 'polypeptide(L)'
;MYKLLKVKDVVRIPPRMFTMDPKEAAKIVLRETYEGIYDRDEGVVLAILDVEEISEGVIVPGDGATYHEAIFNVLVWEPR
NQEVVEGEVVEMMPYGAFIRIGPMDGLVHISQLMDDYVVFDEKNRQFIGKETNRVLKLGDYVRARIIGVSVKSRVIRENK
INMTMRQPGLGKFEWIEKEKKKAKEESKGE
;
A
2 'polypeptide(L)'
;MIGRKKLEEHYITIAEAKELLERRHAEGLAENPEEPMFYEARVSLEHAERFAKLKPEQARELKEKLMGLFDWINERIAAK
LVDILPEDYLDIRVIFAKEEYMPTPEEAEEIIKVIDEYRPLE
;
B
#
# COMPACT_ATOMS: atom_id res chain seq x y z
N MET A 1 -1.42 1.88 1.27
CA MET A 1 -0.96 2.43 2.53
C MET A 1 0.24 1.66 3.08
N TYR A 2 1.41 1.86 2.47
CA TYR A 2 2.62 1.21 2.93
C TYR A 2 3.21 1.90 4.16
N LYS A 3 3.76 1.12 5.09
CA LYS A 3 4.47 1.73 6.23
C LYS A 3 5.79 1.05 6.54
N LEU A 4 6.71 1.83 7.09
CA LEU A 4 8.01 1.34 7.56
C LEU A 4 8.09 1.38 9.09
N LEU A 5 8.17 0.21 9.70
CA LEU A 5 8.24 0.09 11.15
C LEU A 5 9.66 -0.22 11.65
N LYS A 6 9.98 0.31 12.81
CA LYS A 6 11.24 -0.01 13.47
C LYS A 6 10.90 -0.72 14.76
N VAL A 7 11.31 -1.98 14.85
CA VAL A 7 10.85 -2.85 15.92
C VAL A 7 12.05 -3.47 16.68
N LYS A 8 11.87 -3.62 18.00
CA LYS A 8 12.84 -4.33 18.82
C LYS A 8 12.21 -5.63 19.26
N ASP A 9 12.98 -6.70 19.25
CA ASP A 9 12.45 -8.04 19.53
C ASP A 9 13.53 -8.97 20.10
N VAL A 10 13.09 -10.12 20.60
CA VAL A 10 14.01 -11.15 21.06
C VAL A 10 13.98 -12.34 20.10
N VAL A 11 15.13 -12.66 19.52
CA VAL A 11 15.23 -13.79 18.57
C VAL A 11 16.06 -14.96 19.11
N ARG A 12 15.58 -16.17 18.79
CA ARG A 12 16.30 -17.39 19.07
C ARG A 12 17.02 -17.84 17.81
N ILE A 13 18.34 -17.77 17.81
CA ILE A 13 19.07 -18.38 16.71
C ILE A 13 19.48 -19.83 17.08
N PRO A 14 18.92 -20.81 16.32
CA PRO A 14 19.16 -22.25 16.50
C PRO A 14 20.64 -22.64 16.33
N PRO A 15 21.08 -23.69 17.03
CA PRO A 15 22.41 -24.31 16.90
C PRO A 15 22.83 -24.57 15.44
N ARG A 16 21.96 -25.11 14.59
CA ARG A 16 22.36 -25.40 13.22
C ARG A 16 22.84 -24.17 12.42
N MET A 17 22.58 -22.96 12.92
CA MET A 17 23.06 -21.79 12.19
C MET A 17 24.24 -21.07 12.89
N PHE A 18 25.04 -21.78 13.68
CA PHE A 18 26.11 -21.09 14.44
C PHE A 18 27.28 -20.53 13.62
N THR A 19 27.47 -21.01 12.39
CA THR A 19 28.57 -20.51 11.56
C THR A 19 28.16 -19.22 10.83
N MET A 20 26.89 -18.84 10.99
CA MET A 20 26.37 -17.67 10.30
C MET A 20 26.55 -16.36 11.11
N ASP A 21 26.90 -15.29 10.42
CA ASP A 21 26.94 -13.99 11.04
C ASP A 21 25.61 -13.73 11.72
N PRO A 22 25.66 -13.37 13.02
CA PRO A 22 24.48 -13.09 13.85
C PRO A 22 23.38 -12.27 13.17
N LYS A 23 23.72 -11.14 12.58
CA LYS A 23 22.70 -10.30 11.92
C LYS A 23 22.01 -11.03 10.78
N GLU A 24 22.81 -11.65 9.91
CA GLU A 24 22.28 -12.51 8.86
C GLU A 24 21.32 -13.55 9.43
N ALA A 25 21.79 -14.31 10.42
CA ALA A 25 20.97 -15.36 11.05
C ALA A 25 19.65 -14.81 11.63
N ALA A 26 19.72 -13.72 12.39
CA ALA A 26 18.53 -13.08 12.97
C ALA A 26 17.51 -12.70 11.90
N LYS A 27 18.01 -12.07 10.84
CA LYS A 27 17.20 -11.71 9.68
C LYS A 27 16.38 -12.90 9.15
N ILE A 28 17.00 -14.06 9.01
CA ILE A 28 16.30 -15.26 8.55
C ILE A 28 15.24 -15.73 9.55
N VAL A 29 15.63 -15.88 10.81
CA VAL A 29 14.69 -16.25 11.85
C VAL A 29 13.49 -15.27 11.87
N LEU A 30 13.75 -13.97 11.78
CA LEU A 30 12.66 -12.98 11.79
C LEU A 30 11.77 -13.08 10.56
N ARG A 31 12.34 -13.47 9.41
CA ARG A 31 11.51 -13.67 8.21
C ARG A 31 10.58 -14.88 8.34
N GLU A 32 11.12 -16.02 8.76
CA GLU A 32 10.32 -17.23 9.01
C GLU A 32 9.20 -16.94 9.97
N THR A 33 9.51 -16.14 10.98
CA THR A 33 8.56 -15.79 12.03
C THR A 33 7.44 -14.85 11.56
N TYR A 34 7.80 -13.80 10.83
CA TYR A 34 6.88 -12.66 10.63
C TYR A 34 6.31 -12.45 9.22
N GLU A 35 7.08 -12.77 8.19
CA GLU A 35 6.59 -12.52 6.83
C GLU A 35 5.42 -13.43 6.48
N GLY A 36 4.41 -12.87 5.82
CA GLY A 36 3.30 -13.65 5.33
C GLY A 36 2.08 -13.62 6.22
N ILE A 37 2.14 -12.83 7.29
CA ILE A 37 1.02 -12.74 8.22
C ILE A 37 0.26 -11.43 8.03
N TYR A 38 -0.99 -11.40 8.45
CA TYR A 38 -1.64 -10.11 8.71
C TYR A 38 -1.66 -9.83 10.21
N ASP A 39 -0.85 -8.86 10.63
CA ASP A 39 -0.88 -8.34 12.00
C ASP A 39 -2.07 -7.41 12.22
N ARG A 40 -2.92 -7.75 13.18
CA ARG A 40 -4.13 -6.96 13.44
C ARG A 40 -3.86 -5.46 13.67
N ASP A 41 -2.75 -5.11 14.28
CA ASP A 41 -2.46 -3.69 14.53
C ASP A 41 -1.73 -3.01 13.36
N GLU A 42 -0.87 -3.76 12.68
CA GLU A 42 0.00 -3.16 11.67
C GLU A 42 -0.42 -3.43 10.23
N GLY A 43 -1.10 -4.56 10.00
CA GLY A 43 -1.50 -4.96 8.66
C GLY A 43 -0.63 -6.06 8.05
N VAL A 44 -0.67 -6.21 6.72
CA VAL A 44 0.13 -7.20 6.01
C VAL A 44 1.62 -7.02 6.27
N VAL A 45 2.28 -8.06 6.78
CA VAL A 45 3.73 -8.02 6.98
C VAL A 45 4.45 -8.49 5.71
N LEU A 46 5.00 -7.55 4.96
CA LEU A 46 5.52 -7.86 3.63
C LEU A 46 7.00 -8.29 3.64
N ALA A 47 7.82 -7.61 4.44
CA ALA A 47 9.24 -7.96 4.50
C ALA A 47 9.95 -7.49 5.76
N ILE A 48 10.78 -8.38 6.30
CA ILE A 48 11.87 -7.97 7.18
C ILE A 48 12.95 -7.40 6.28
N LEU A 49 13.22 -6.10 6.41
CA LEU A 49 14.15 -5.45 5.48
C LEU A 49 15.60 -5.64 5.89
N ASP A 50 15.90 -5.37 7.15
CA ASP A 50 17.27 -5.51 7.62
C ASP A 50 17.31 -5.52 9.14
N VAL A 51 18.44 -5.97 9.68
CA VAL A 51 18.68 -5.90 11.12
C VAL A 51 19.71 -4.82 11.40
N GLU A 52 19.26 -3.70 11.97
CA GLU A 52 20.18 -2.61 12.30
C GLU A 52 21.13 -3.01 13.43
N GLU A 53 20.56 -3.45 14.56
CA GLU A 53 21.34 -3.84 15.74
C GLU A 53 21.03 -5.23 16.26
N ILE A 54 22.04 -5.90 16.77
CA ILE A 54 21.81 -7.16 17.45
C ILE A 54 22.66 -7.21 18.71
N SER A 55 22.03 -7.53 19.83
CA SER A 55 22.75 -7.53 21.09
C SER A 55 23.72 -8.71 21.18
N GLU A 56 24.53 -8.68 22.25
CA GLU A 56 25.38 -9.81 22.62
C GLU A 56 24.51 -11.04 22.90
N GLY A 57 24.95 -12.18 22.37
CA GLY A 57 24.23 -13.42 22.58
C GLY A 57 24.22 -13.93 24.02
N VAL A 58 23.04 -14.38 24.45
CA VAL A 58 22.85 -15.00 25.76
C VAL A 58 22.54 -16.49 25.59
N ILE A 59 23.15 -17.32 26.42
CA ILE A 59 22.91 -18.75 26.37
C ILE A 59 22.15 -19.17 27.60
N VAL A 60 21.13 -20.00 27.43
CA VAL A 60 20.38 -20.53 28.55
C VAL A 60 20.74 -22.01 28.77
N PRO A 61 20.86 -22.43 30.03
CA PRO A 61 21.17 -23.84 30.30
C PRO A 61 20.13 -24.77 29.69
N GLY A 62 20.58 -25.84 29.05
CA GLY A 62 19.68 -26.83 28.49
C GLY A 62 19.30 -26.57 27.05
N ASP A 63 20.01 -25.63 26.42
CA ASP A 63 19.71 -25.25 25.04
C ASP A 63 20.96 -24.70 24.34
N GLY A 64 21.32 -25.29 23.21
CA GLY A 64 22.49 -24.84 22.46
C GLY A 64 22.25 -23.65 21.55
N ALA A 65 21.06 -23.05 21.63
CA ALA A 65 20.78 -21.84 20.85
C ALA A 65 21.38 -20.61 21.51
N THR A 66 21.60 -19.55 20.74
CA THR A 66 22.02 -18.31 21.38
C THR A 66 20.87 -17.31 21.25
N TYR A 67 20.56 -16.63 22.32
CA TYR A 67 19.44 -15.68 22.29
C TYR A 67 19.97 -14.25 22.23
N HIS A 68 19.44 -13.48 21.28
CA HIS A 68 19.82 -12.07 21.13
C HIS A 68 18.59 -11.16 21.20
N GLU A 69 18.84 -9.87 21.45
CA GLU A 69 17.83 -8.86 21.23
C GLU A 69 18.20 -8.11 19.97
N ALA A 70 17.22 -7.87 19.10
CA ALA A 70 17.50 -7.27 17.80
C ALA A 70 16.59 -6.09 17.54
N ILE A 71 17.10 -5.18 16.72
CA ILE A 71 16.32 -4.06 16.24
C ILE A 71 16.34 -4.08 14.72
N PHE A 72 15.16 -4.06 14.12
CA PHE A 72 15.04 -4.26 12.68
C PHE A 72 13.95 -3.40 12.06
N ASN A 73 14.00 -3.30 10.74
CA ASN A 73 13.04 -2.56 9.93
C ASN A 73 12.07 -3.47 9.20
N VAL A 74 10.79 -3.15 9.27
CA VAL A 74 9.76 -3.96 8.66
C VAL A 74 8.87 -3.20 7.67
N LEU A 75 8.71 -3.74 6.47
CA LEU A 75 7.72 -3.18 5.56
C LEU A 75 6.36 -3.85 5.77
N VAL A 76 5.34 -3.03 5.98
CA VAL A 76 3.98 -3.51 6.10
C VAL A 76 3.07 -2.71 5.19
N TRP A 77 1.83 -3.13 5.06
CA TRP A 77 0.83 -2.45 4.25
C TRP A 77 -0.50 -2.63 4.93
N GLU A 78 -1.26 -1.55 5.08
CA GLU A 78 -2.56 -1.66 5.74
C GLU A 78 -3.67 -1.07 4.90
N PRO A 79 -4.82 -1.75 4.85
CA PRO A 79 -6.02 -1.11 4.32
C PRO A 79 -6.65 -0.19 5.37
N ARG A 80 -6.60 1.12 5.14
CA ARG A 80 -7.19 2.03 6.10
C ARG A 80 -8.60 2.47 5.68
N ASN A 81 -9.47 2.63 6.67
CA ASN A 81 -10.83 3.09 6.41
C ASN A 81 -10.82 4.50 5.80
N GLN A 82 -11.66 4.67 4.78
CA GLN A 82 -11.80 5.94 4.06
C GLN A 82 -10.56 6.33 3.24
N GLU A 83 -9.57 5.45 3.19
CA GLU A 83 -8.38 5.74 2.42
C GLU A 83 -8.60 5.71 0.89
N VAL A 84 -8.06 6.70 0.19
CA VAL A 84 -8.18 6.71 -1.24
C VAL A 84 -7.14 5.77 -1.82
N VAL A 85 -7.55 4.91 -2.74
CA VAL A 85 -6.64 3.94 -3.32
C VAL A 85 -6.80 3.84 -4.83
N GLU A 86 -5.82 3.24 -5.49
CA GLU A 86 -5.87 3.07 -6.94
C GLU A 86 -5.46 1.64 -7.31
N GLY A 87 -6.07 1.11 -8.35
CA GLY A 87 -5.78 -0.27 -8.71
C GLY A 87 -6.37 -0.80 -9.99
N GLU A 88 -6.11 -2.09 -10.22
CA GLU A 88 -6.55 -2.74 -11.45
C GLU A 88 -7.67 -3.73 -11.15
N VAL A 89 -8.67 -3.76 -12.03
CA VAL A 89 -9.75 -4.74 -11.91
C VAL A 89 -9.18 -6.13 -12.22
N VAL A 90 -9.14 -7.01 -11.22
CA VAL A 90 -8.61 -8.36 -11.45
C VAL A 90 -9.65 -9.49 -11.42
N GLU A 91 -10.92 -9.17 -11.17
CA GLU A 91 -11.98 -10.17 -11.29
C GLU A 91 -13.36 -9.54 -11.47
N MET A 92 -14.08 -10.03 -12.46
CA MET A 92 -15.47 -9.64 -12.66
C MET A 92 -16.40 -10.73 -12.16
N MET A 93 -17.38 -10.34 -11.35
CA MET A 93 -18.47 -11.23 -10.95
C MET A 93 -19.79 -10.50 -11.18
N PRO A 94 -20.91 -11.24 -11.13
CA PRO A 94 -22.20 -10.54 -11.35
C PRO A 94 -22.55 -9.50 -10.26
N TYR A 95 -21.99 -9.65 -9.06
CA TYR A 95 -22.32 -8.75 -7.95
C TYR A 95 -21.35 -7.58 -7.76
N GLY A 96 -20.23 -7.59 -8.49
CA GLY A 96 -19.22 -6.55 -8.34
C GLY A 96 -17.86 -6.87 -8.94
N ALA A 97 -16.84 -6.15 -8.50
CA ALA A 97 -15.52 -6.28 -9.10
C ALA A 97 -14.40 -6.23 -8.07
N PHE A 98 -13.48 -7.18 -8.13
CA PHE A 98 -12.29 -7.12 -7.28
C PHE A 98 -11.23 -6.21 -7.92
N ILE A 99 -10.71 -5.28 -7.11
CA ILE A 99 -9.65 -4.40 -7.54
C ILE A 99 -8.36 -4.64 -6.77
N ARG A 100 -7.28 -4.90 -7.49
CA ARG A 100 -5.99 -5.10 -6.86
C ARG A 100 -5.45 -3.73 -6.38
N ILE A 101 -5.17 -3.57 -5.09
CA ILE A 101 -4.76 -2.26 -4.58
C ILE A 101 -3.53 -2.06 -3.66
N GLY A 102 -2.61 -3.01 -3.44
CA GLY A 102 -2.46 -4.25 -4.17
C GLY A 102 -1.86 -5.52 -3.56
N PRO A 103 -1.39 -5.53 -2.29
CA PRO A 103 -1.16 -6.89 -1.79
C PRO A 103 -2.48 -7.60 -1.44
N MET A 104 -3.56 -6.83 -1.33
CA MET A 104 -4.90 -7.38 -1.17
C MET A 104 -5.78 -6.75 -2.22
N ASP A 105 -6.96 -7.34 -2.41
CA ASP A 105 -7.95 -6.85 -3.36
C ASP A 105 -9.05 -6.13 -2.59
N GLY A 106 -9.76 -5.25 -3.28
CA GLY A 106 -10.86 -4.54 -2.67
C GLY A 106 -12.09 -4.75 -3.50
N LEU A 107 -13.21 -5.04 -2.85
CA LEU A 107 -14.47 -5.29 -3.53
C LEU A 107 -15.29 -4.00 -3.73
N VAL A 108 -15.59 -3.73 -4.99
CA VAL A 108 -16.60 -2.74 -5.31
C VAL A 108 -17.86 -3.43 -5.84
N HIS A 109 -18.90 -3.34 -5.03
CA HIS A 109 -20.22 -3.91 -5.34
C HIS A 109 -20.84 -3.16 -6.51
N ILE A 110 -21.72 -3.84 -7.25
CA ILE A 110 -22.40 -3.29 -8.42
C ILE A 110 -23.21 -2.01 -8.14
N SER A 111 -23.69 -1.84 -6.90
CA SER A 111 -24.40 -0.62 -6.50
C SER A 111 -23.46 0.51 -6.11
N GLN A 112 -22.17 0.21 -6.02
CA GLN A 112 -21.20 1.20 -5.58
C GLN A 112 -20.22 1.56 -6.69
N LEU A 113 -20.55 1.16 -7.93
CA LEU A 113 -19.74 1.51 -9.09
C LEU A 113 -19.83 3.00 -9.50
N MET A 114 -21.04 3.45 -9.77
CA MET A 114 -21.24 4.73 -10.43
C MET A 114 -22.63 5.32 -10.18
N ASP A 115 -22.74 6.64 -10.31
CA ASP A 115 -24.04 7.27 -10.17
C ASP A 115 -24.84 7.05 -11.44
N ASP A 116 -25.30 5.81 -11.61
CA ASP A 116 -26.06 5.42 -12.79
C ASP A 116 -26.79 4.11 -12.51
N TYR A 117 -27.64 3.70 -13.42
CA TYR A 117 -28.24 2.41 -13.30
C TYR A 117 -27.30 1.40 -13.97
N VAL A 118 -26.85 0.41 -13.20
CA VAL A 118 -25.85 -0.50 -13.72
C VAL A 118 -26.32 -1.94 -13.78
N VAL A 119 -26.15 -2.56 -14.95
CA VAL A 119 -26.38 -3.99 -15.10
C VAL A 119 -25.10 -4.72 -15.49
N PHE A 120 -25.05 -5.99 -15.14
CA PHE A 120 -23.96 -6.86 -15.56
C PHE A 120 -24.33 -7.51 -16.90
N ASP A 121 -23.40 -7.42 -17.85
CA ASP A 121 -23.56 -7.93 -19.20
C ASP A 121 -22.74 -9.19 -19.30
N GLU A 122 -23.41 -10.31 -19.13
CA GLU A 122 -22.76 -11.63 -19.06
C GLU A 122 -21.94 -11.98 -20.29
N LYS A 123 -22.47 -11.65 -21.47
CA LYS A 123 -21.80 -11.97 -22.73
C LYS A 123 -20.36 -11.45 -22.77
N ASN A 124 -20.17 -10.23 -22.30
CA ASN A 124 -18.89 -9.54 -22.44
C ASN A 124 -18.16 -9.40 -21.12
N ARG A 125 -18.79 -9.88 -20.04
CA ARG A 125 -18.23 -9.81 -18.70
C ARG A 125 -17.90 -8.39 -18.28
N GLN A 126 -18.89 -7.52 -18.25
CA GLN A 126 -18.61 -6.12 -17.93
C GLN A 126 -19.83 -5.37 -17.42
N PHE A 127 -19.58 -4.26 -16.74
CA PHE A 127 -20.66 -3.40 -16.27
C PHE A 127 -20.87 -2.25 -17.23
N ILE A 128 -22.15 -1.93 -17.44
CA ILE A 128 -22.57 -0.83 -18.29
C ILE A 128 -23.64 -0.03 -17.57
N GLY A 129 -23.41 1.29 -17.48
CA GLY A 129 -24.39 2.20 -16.90
C GLY A 129 -25.41 2.60 -17.95
N LYS A 130 -26.69 2.65 -17.56
CA LYS A 130 -27.78 2.87 -18.50
C LYS A 130 -27.70 4.21 -19.23
N GLU A 131 -27.68 5.30 -18.47
CA GLU A 131 -27.66 6.66 -19.02
C GLU A 131 -26.28 7.08 -19.53
N THR A 132 -25.30 7.01 -18.64
CA THR A 132 -23.92 7.23 -19.03
C THR A 132 -23.40 5.91 -19.52
N ASN A 133 -22.89 5.83 -20.74
CA ASN A 133 -22.49 4.53 -21.26
C ASN A 133 -21.14 4.04 -20.72
N ARG A 134 -20.86 4.38 -19.47
CA ARG A 134 -19.62 4.01 -18.81
C ARG A 134 -19.49 2.50 -18.67
N VAL A 135 -18.33 1.97 -19.07
CA VAL A 135 -18.07 0.52 -19.06
C VAL A 135 -16.90 0.17 -18.13
N LEU A 136 -17.08 -0.85 -17.30
CA LEU A 136 -15.97 -1.36 -16.50
C LEU A 136 -15.74 -2.83 -16.83
N LYS A 137 -14.48 -3.18 -17.11
CA LYS A 137 -14.13 -4.55 -17.48
C LYS A 137 -12.85 -4.98 -16.80
N LEU A 138 -12.55 -6.28 -16.89
CA LEU A 138 -11.28 -6.84 -16.44
C LEU A 138 -10.12 -6.02 -16.98
N GLY A 139 -9.19 -5.66 -16.10
CA GLY A 139 -7.96 -4.99 -16.52
C GLY A 139 -8.04 -3.48 -16.51
N ASP A 140 -9.24 -2.93 -16.33
CA ASP A 140 -9.39 -1.48 -16.23
C ASP A 140 -8.75 -0.95 -14.93
N TYR A 141 -8.32 0.31 -14.97
CA TYR A 141 -7.69 0.97 -13.83
C TYR A 141 -8.59 2.00 -13.16
N VAL A 142 -8.63 1.98 -11.84
CA VAL A 142 -9.59 2.85 -11.17
C VAL A 142 -8.99 3.55 -9.97
N ARG A 143 -9.67 4.61 -9.54
CA ARG A 143 -9.49 5.18 -8.21
C ARG A 143 -10.75 4.91 -7.35
N ALA A 144 -10.55 4.49 -6.11
CA ALA A 144 -11.66 4.13 -5.23
C ALA A 144 -11.36 4.57 -3.82
N ARG A 145 -12.38 4.56 -2.96
CA ARG A 145 -12.17 4.85 -1.55
C ARG A 145 -12.57 3.63 -0.74
N ILE A 146 -11.70 3.21 0.19
CA ILE A 146 -12.01 2.08 1.04
C ILE A 146 -13.15 2.45 1.99
N ILE A 147 -14.12 1.57 2.15
CA ILE A 147 -15.32 1.95 2.85
C ILE A 147 -15.60 1.05 4.03
N GLY A 148 -14.93 -0.08 4.06
CA GLY A 148 -15.05 -1.02 5.15
C GLY A 148 -13.90 -2.01 5.11
N VAL A 149 -13.44 -2.40 6.28
CA VAL A 149 -12.35 -3.36 6.39
C VAL A 149 -12.72 -4.38 7.44
N SER A 150 -12.52 -5.64 7.09
CA SER A 150 -12.70 -6.73 8.02
C SER A 150 -11.36 -7.40 8.24
N VAL A 151 -10.77 -7.16 9.41
CA VAL A 151 -9.55 -7.83 9.84
C VAL A 151 -9.88 -8.94 10.83
N LYS A 152 -10.02 -10.15 10.33
CA LYS A 152 -10.21 -11.29 11.19
C LYS A 152 -8.86 -11.94 11.47
N SER A 153 -8.44 -12.82 10.58
CA SER A 153 -7.36 -13.73 10.91
C SER A 153 -6.00 -13.16 10.68
N ARG A 154 -5.00 -13.98 10.99
CA ARG A 154 -3.62 -13.69 10.70
C ARG A 154 -3.37 -14.00 9.23
N VAL A 155 -4.34 -14.64 8.59
CA VAL A 155 -4.19 -14.97 7.18
C VAL A 155 -4.86 -13.92 6.29
N ILE A 156 -4.07 -13.42 5.33
CA ILE A 156 -4.46 -12.32 4.45
C ILE A 156 -5.75 -12.60 3.69
N ARG A 157 -5.81 -13.76 3.03
CA ARG A 157 -6.95 -14.15 2.18
C ARG A 157 -8.30 -13.98 2.84
N GLU A 158 -8.36 -14.30 4.13
CA GLU A 158 -9.63 -14.31 4.87
C GLU A 158 -10.08 -12.91 5.29
N ASN A 159 -9.19 -11.93 5.12
CA ASN A 159 -9.51 -10.55 5.46
C ASN A 159 -10.14 -9.83 4.27
N LYS A 160 -11.05 -8.92 4.53
CA LYS A 160 -11.93 -8.39 3.48
C LYS A 160 -11.90 -6.87 3.41
N ILE A 161 -11.80 -6.37 2.19
CA ILE A 161 -11.79 -4.95 1.95
C ILE A 161 -12.98 -4.57 1.08
N ASN A 162 -13.76 -3.59 1.51
CA ASN A 162 -14.87 -3.11 0.71
C ASN A 162 -14.71 -1.65 0.30
N MET A 163 -15.05 -1.32 -0.94
CA MET A 163 -14.79 0.02 -1.48
C MET A 163 -15.96 0.60 -2.24
N THR A 164 -15.85 1.88 -2.60
CA THR A 164 -16.81 2.53 -3.48
C THR A 164 -16.10 3.34 -4.56
N MET A 165 -16.81 3.58 -5.65
CA MET A 165 -16.34 4.51 -6.67
C MET A 165 -17.48 5.49 -6.97
N ARG A 166 -18.52 5.40 -6.16
CA ARG A 166 -19.74 6.22 -6.27
C ARG A 166 -19.60 7.55 -5.57
N GLN A 167 -18.48 8.23 -5.80
CA GLN A 167 -18.21 9.55 -5.23
C GLN A 167 -17.47 10.40 -6.24
N PRO A 168 -17.61 11.73 -6.14
CA PRO A 168 -16.90 12.66 -7.02
C PRO A 168 -15.38 12.49 -6.99
N GLY A 169 -14.78 12.28 -8.16
CA GLY A 169 -13.35 12.10 -8.28
C GLY A 169 -12.91 10.64 -8.19
N LEU A 170 -13.87 9.73 -8.13
CA LEU A 170 -13.60 8.30 -8.13
C LEU A 170 -14.06 7.61 -9.40
N GLY A 171 -13.59 6.38 -9.58
CA GLY A 171 -14.04 5.53 -10.66
C GLY A 171 -12.93 5.16 -11.62
N LYS A 172 -13.33 4.62 -12.76
CA LYS A 172 -12.42 4.35 -13.86
C LYS A 172 -11.74 5.65 -14.27
N PHE A 173 -10.48 5.57 -14.66
CA PHE A 173 -9.73 6.78 -14.97
C PHE A 173 -10.31 7.54 -16.14
N GLU A 174 -10.78 6.81 -17.14
CA GLU A 174 -11.52 7.41 -18.26
C GLU A 174 -12.76 8.20 -17.80
N TRP A 175 -13.51 7.67 -16.83
CA TRP A 175 -14.68 8.37 -16.31
C TRP A 175 -14.24 9.65 -15.64
N ILE A 176 -13.24 9.54 -14.77
CA ILE A 176 -12.72 10.68 -14.04
C ILE A 176 -12.26 11.81 -14.94
N GLU A 177 -11.53 11.48 -16.01
CA GLU A 177 -11.03 12.49 -16.92
C GLU A 177 -12.21 13.18 -17.62
N LYS A 178 -13.20 12.41 -18.04
CA LYS A 178 -14.38 13.02 -18.64
C LYS A 178 -15.29 13.69 -17.61
N GLU A 179 -15.13 13.36 -16.33
CA GLU A 179 -15.86 14.08 -15.28
C GLU A 179 -15.31 15.48 -15.14
N LYS A 180 -14.03 15.65 -15.45
CA LYS A 180 -13.30 16.85 -15.08
C LYS A 180 -13.69 18.07 -15.90
N LYS A 181 -12.73 18.96 -16.14
CA LYS A 181 -13.03 20.25 -16.74
C LYS A 181 -13.59 20.19 -18.18
N LYS A 182 -13.94 18.98 -18.64
CA LYS A 182 -14.80 18.82 -19.80
C LYS A 182 -16.23 18.85 -19.31
N ALA A 183 -16.39 18.72 -18.00
CA ALA A 183 -17.65 19.03 -17.35
C ALA A 183 -17.49 20.31 -16.52
N LYS A 184 -16.43 21.08 -16.78
CA LYS A 184 -16.31 22.48 -16.37
C LYS A 184 -16.04 23.31 -17.63
N GLU A 185 -16.49 22.80 -18.77
CA GLU A 185 -16.53 23.56 -20.01
C GLU A 185 -17.57 24.67 -19.86
N GLU A 186 -17.23 25.70 -19.10
CA GLU A 186 -18.16 26.76 -18.74
C GLU A 186 -17.76 28.10 -19.36
N MET B 1 0.78 -7.06 17.48
CA MET B 1 2.05 -6.34 17.49
C MET B 1 3.20 -7.18 16.94
N ILE B 2 4.02 -6.53 16.12
CA ILE B 2 5.27 -7.12 15.66
C ILE B 2 6.33 -6.89 16.74
N GLY B 3 6.91 -7.97 17.25
CA GLY B 3 7.96 -7.87 18.25
C GLY B 3 7.50 -7.38 19.61
N ARG B 4 8.46 -7.01 20.45
CA ARG B 4 8.19 -6.55 21.82
C ARG B 4 7.60 -5.14 21.89
N LYS B 5 8.29 -4.17 21.29
CA LYS B 5 7.74 -2.83 21.20
C LYS B 5 8.07 -2.15 19.87
N LYS B 6 7.13 -1.33 19.41
CA LYS B 6 7.36 -0.49 18.25
C LYS B 6 8.11 0.76 18.71
N LEU B 7 9.22 1.06 18.07
CA LEU B 7 9.93 2.26 18.46
C LEU B 7 9.73 3.42 17.48
N GLU B 8 9.37 3.11 16.23
CA GLU B 8 9.31 4.13 15.18
C GLU B 8 8.52 3.67 13.96
N GLU B 9 7.71 4.56 13.39
CA GLU B 9 6.96 4.22 12.19
C GLU B 9 6.86 5.40 11.23
N HIS B 10 6.87 5.10 9.93
CA HIS B 10 6.70 6.13 8.92
C HIS B 10 5.74 5.71 7.82
N TYR B 11 4.99 6.67 7.29
CA TYR B 11 4.15 6.43 6.14
C TYR B 11 4.98 6.60 4.89
N ILE B 12 4.92 5.62 4.02
CA ILE B 12 5.86 5.49 2.92
C ILE B 12 5.08 5.51 1.60
N THR B 13 5.70 6.01 0.53
CA THR B 13 5.06 5.99 -0.78
C THR B 13 5.16 4.62 -1.45
N ILE B 14 4.32 4.42 -2.46
CA ILE B 14 4.39 3.24 -3.30
C ILE B 14 5.79 3.14 -3.96
N ALA B 15 6.29 4.28 -4.45
CA ALA B 15 7.63 4.35 -5.06
C ALA B 15 8.72 3.85 -4.10
N GLU B 16 8.74 4.35 -2.88
CA GLU B 16 9.72 3.87 -1.90
C GLU B 16 9.54 2.38 -1.66
N ALA B 17 8.29 1.93 -1.62
CA ALA B 17 8.00 0.54 -1.32
C ALA B 17 8.44 -0.40 -2.46
N LYS B 18 8.28 0.08 -3.69
CA LYS B 18 8.82 -0.61 -4.87
C LYS B 18 10.31 -0.92 -4.72
N GLU B 19 11.08 0.07 -4.28
CA GLU B 19 12.51 -0.15 -4.09
C GLU B 19 12.75 -1.24 -3.04
N LEU B 20 12.07 -1.14 -1.90
CA LEU B 20 12.26 -2.10 -0.82
C LEU B 20 11.79 -3.49 -1.23
N LEU B 21 10.68 -3.57 -1.96
CA LEU B 21 10.20 -4.89 -2.37
C LEU B 21 11.18 -5.57 -3.32
N GLU B 22 11.76 -4.80 -4.23
CA GLU B 22 12.74 -5.33 -5.17
C GLU B 22 13.98 -5.81 -4.42
N ARG B 23 14.36 -5.11 -3.36
CA ARG B 23 15.48 -5.51 -2.52
C ARG B 23 15.21 -6.86 -1.90
N ARG B 24 14.08 -6.97 -1.21
CA ARG B 24 13.63 -8.21 -0.58
C ARG B 24 13.65 -9.36 -1.59
N HIS B 25 13.16 -9.08 -2.80
CA HIS B 25 13.06 -10.07 -3.86
C HIS B 25 14.47 -10.56 -4.22
N ALA B 26 15.33 -9.62 -4.55
CA ALA B 26 16.72 -9.92 -4.92
C ALA B 26 17.49 -10.62 -3.81
N GLU B 27 17.07 -10.45 -2.56
CA GLU B 27 17.60 -11.27 -1.47
C GLU B 27 16.95 -12.64 -1.57
N GLY B 28 17.45 -13.44 -2.49
CA GLY B 28 16.92 -14.75 -2.79
C GLY B 28 17.20 -15.10 -4.23
N LEU B 29 18.45 -15.39 -4.63
CA LEU B 29 19.75 -15.17 -3.95
C LEU B 29 19.95 -15.10 -2.41
N ALA B 30 19.55 -16.14 -1.68
CA ALA B 30 19.86 -16.22 -0.25
C ALA B 30 20.35 -17.61 0.10
N GLU B 31 20.42 -18.46 -0.92
CA GLU B 31 21.06 -19.79 -0.86
C GLU B 31 20.47 -20.74 0.18
N ASN B 32 21.04 -20.71 1.38
CA ASN B 32 20.77 -21.70 2.42
C ASN B 32 19.27 -21.85 2.71
N PRO B 33 18.52 -20.73 2.75
CA PRO B 33 17.08 -20.97 2.77
C PRO B 33 16.38 -20.52 1.50
N GLU B 34 17.12 -19.95 0.54
CA GLU B 34 16.52 -19.28 -0.62
C GLU B 34 15.58 -18.14 -0.22
N GLU B 35 14.51 -18.49 0.50
CA GLU B 35 13.54 -17.53 1.05
C GLU B 35 12.70 -16.81 0.00
N PRO B 36 11.75 -17.53 -0.60
CA PRO B 36 10.85 -16.90 -1.57
C PRO B 36 9.93 -15.90 -0.88
N MET B 37 9.53 -14.86 -1.59
CA MET B 37 8.48 -13.99 -1.11
C MET B 37 7.15 -14.75 -1.17
N PHE B 38 6.33 -14.61 -0.13
CA PHE B 38 5.00 -15.22 -0.12
C PHE B 38 4.11 -14.55 -1.16
N TYR B 39 3.05 -15.24 -1.54
CA TYR B 39 2.24 -14.85 -2.70
C TYR B 39 1.79 -13.39 -2.73
N GLU B 40 1.15 -12.90 -1.67
CA GLU B 40 0.61 -11.51 -1.72
C GLU B 40 1.72 -10.46 -1.75
N ALA B 41 2.87 -10.78 -1.17
CA ALA B 41 4.03 -9.90 -1.24
C ALA B 41 4.52 -9.71 -2.69
N ARG B 42 4.54 -10.81 -3.44
CA ARG B 42 4.86 -10.79 -4.88
C ARG B 42 3.80 -10.01 -5.66
N VAL B 43 2.55 -10.13 -5.22
CA VAL B 43 1.43 -9.41 -5.81
C VAL B 43 1.63 -7.91 -5.55
N SER B 44 1.96 -7.59 -4.29
CA SER B 44 2.27 -6.24 -3.88
C SER B 44 3.39 -5.66 -4.73
N LEU B 45 4.46 -6.45 -4.90
CA LEU B 45 5.58 -6.05 -5.76
C LEU B 45 5.10 -5.65 -7.17
N GLU B 46 4.26 -6.47 -7.80
CA GLU B 46 3.74 -6.19 -9.16
C GLU B 46 2.93 -4.90 -9.21
N HIS B 47 1.97 -4.78 -8.30
CA HIS B 47 1.19 -3.56 -8.14
C HIS B 47 2.11 -2.35 -8.02
N ALA B 48 3.08 -2.44 -7.12
CA ALA B 48 3.97 -1.31 -6.87
C ALA B 48 4.79 -0.98 -8.12
N GLU B 49 5.23 -2.01 -8.86
CA GLU B 49 5.93 -1.79 -10.13
C GLU B 49 5.07 -0.97 -11.11
N ARG B 50 3.78 -1.32 -11.19
CA ARG B 50 2.90 -0.64 -12.12
C ARG B 50 2.52 0.75 -11.62
N PHE B 51 2.31 0.90 -10.32
CA PHE B 51 1.71 2.14 -9.82
C PHE B 51 2.67 3.17 -9.23
N ALA B 52 3.94 2.81 -9.02
CA ALA B 52 4.94 3.83 -8.64
C ALA B 52 5.11 4.80 -9.82
N LYS B 53 4.52 5.98 -9.68
CA LYS B 53 4.55 6.98 -10.74
C LYS B 53 5.84 7.81 -10.75
N LEU B 54 6.56 7.82 -9.63
CA LEU B 54 7.87 8.47 -9.58
C LEU B 54 8.97 7.48 -9.30
N LYS B 55 10.18 7.91 -9.58
CA LYS B 55 11.36 7.23 -9.12
C LYS B 55 11.46 7.40 -7.61
N PRO B 56 12.03 6.41 -6.91
CA PRO B 56 12.25 6.34 -5.46
C PRO B 56 12.74 7.64 -4.80
N GLU B 57 13.63 8.36 -5.47
CA GLU B 57 14.26 9.51 -4.86
C GLU B 57 13.43 10.77 -5.01
N GLN B 58 12.79 10.93 -6.15
CA GLN B 58 11.94 12.09 -6.37
C GLN B 58 10.66 11.94 -5.55
N ALA B 59 10.29 10.70 -5.23
CA ALA B 59 9.10 10.48 -4.41
C ALA B 59 9.35 11.02 -3.01
N ARG B 60 10.49 10.63 -2.43
CA ARG B 60 10.89 11.10 -1.11
C ARG B 60 10.91 12.61 -1.04
N GLU B 61 11.62 13.21 -1.98
CA GLU B 61 11.85 14.65 -2.01
C GLU B 61 10.52 15.41 -2.06
N LEU B 62 9.62 14.94 -2.91
CA LEU B 62 8.28 15.51 -3.03
C LEU B 62 7.47 15.32 -1.74
N LYS B 63 7.70 14.19 -1.05
CA LYS B 63 7.00 13.91 0.20
C LYS B 63 7.42 14.88 1.29
N GLU B 64 8.72 15.10 1.40
CA GLU B 64 9.30 16.07 2.31
C GLU B 64 8.79 17.49 2.02
N LYS B 65 8.90 17.90 0.76
CA LYS B 65 8.46 19.24 0.37
C LYS B 65 6.95 19.52 0.65
N LEU B 66 6.08 18.55 0.35
CA LEU B 66 4.66 18.70 0.68
C LEU B 66 4.40 18.86 2.19
N MET B 67 5.13 18.08 2.98
CA MET B 67 5.08 18.19 4.43
C MET B 67 5.48 19.57 4.96
N GLY B 68 6.49 20.19 4.36
CA GLY B 68 6.97 21.49 4.80
C GLY B 68 6.15 22.66 4.27
N LEU B 69 5.15 22.33 3.46
CA LEU B 69 4.31 23.32 2.81
C LEU B 69 3.17 23.83 3.71
N PHE B 70 2.55 22.93 4.48
CA PHE B 70 1.51 23.27 5.46
C PHE B 70 1.56 22.35 6.69
N ASP B 71 1.11 22.86 7.84
CA ASP B 71 1.04 22.07 9.05
C ASP B 71 0.03 20.93 8.93
N TRP B 72 -1.06 21.18 8.18
CA TRP B 72 -2.12 20.18 8.00
C TRP B 72 -1.74 19.08 6.98
N ILE B 73 -0.55 19.16 6.40
CA ILE B 73 -0.05 18.04 5.61
C ILE B 73 0.98 17.29 6.43
N ASN B 74 0.56 16.18 7.03
CA ASN B 74 1.46 15.32 7.78
C ASN B 74 2.05 14.26 6.84
N GLU B 75 2.75 13.28 7.40
CA GLU B 75 3.52 12.35 6.58
C GLU B 75 2.64 11.37 5.79
N ARG B 76 1.57 10.88 6.43
CA ARG B 76 0.59 10.04 5.75
C ARG B 76 -0.05 10.75 4.55
N ILE B 77 -0.46 12.00 4.74
CA ILE B 77 -1.16 12.73 3.69
C ILE B 77 -0.19 13.07 2.55
N ALA B 78 1.05 13.40 2.89
CA ALA B 78 2.03 13.70 1.88
C ALA B 78 2.33 12.43 1.05
N ALA B 79 2.46 11.29 1.71
CA ALA B 79 2.70 10.03 0.99
C ALA B 79 1.54 9.69 0.06
N LYS B 80 0.31 9.90 0.53
CA LYS B 80 -0.86 9.70 -0.31
C LYS B 80 -0.83 10.65 -1.52
N LEU B 81 -0.58 11.92 -1.24
CA LEU B 81 -0.46 12.94 -2.29
C LEU B 81 0.55 12.50 -3.35
N VAL B 82 1.66 11.92 -2.92
CA VAL B 82 2.67 11.46 -3.87
C VAL B 82 2.17 10.26 -4.67
N ASP B 83 1.57 9.30 -4.00
CA ASP B 83 1.06 8.11 -4.68
C ASP B 83 0.04 8.47 -5.74
N ILE B 84 -0.88 9.38 -5.39
CA ILE B 84 -2.02 9.70 -6.26
C ILE B 84 -1.61 10.69 -7.36
N LEU B 85 -0.73 11.62 -7.01
CA LEU B 85 -0.32 12.67 -7.94
C LEU B 85 -1.50 13.49 -8.51
N PRO B 86 -2.31 14.09 -7.62
CA PRO B 86 -3.52 14.83 -8.03
C PRO B 86 -3.23 15.92 -9.07
N GLU B 87 -4.10 16.03 -10.07
CA GLU B 87 -3.89 16.98 -11.19
C GLU B 87 -4.62 18.30 -11.00
N ASP B 88 -5.81 18.27 -10.41
CA ASP B 88 -6.59 19.50 -10.20
C ASP B 88 -7.37 19.52 -8.88
N TYR B 89 -8.29 20.46 -8.76
CA TYR B 89 -9.00 20.71 -7.51
C TYR B 89 -9.87 19.54 -7.10
N LEU B 90 -10.40 18.83 -8.08
CA LEU B 90 -11.27 17.69 -7.82
C LEU B 90 -10.44 16.59 -7.17
N ASP B 91 -9.20 16.41 -7.64
CA ASP B 91 -8.37 15.33 -7.11
C ASP B 91 -7.99 15.60 -5.65
N ILE B 92 -7.66 16.87 -5.36
CA ILE B 92 -7.36 17.35 -4.02
C ILE B 92 -8.59 17.19 -3.11
N ARG B 93 -9.77 17.46 -3.64
CA ARG B 93 -11.00 17.34 -2.85
C ARG B 93 -11.17 15.92 -2.34
N VAL B 94 -11.07 14.94 -3.23
CA VAL B 94 -11.33 13.58 -2.80
C VAL B 94 -10.25 13.05 -1.85
N ILE B 95 -9.03 13.49 -2.04
CA ILE B 95 -7.95 13.12 -1.15
C ILE B 95 -8.22 13.65 0.28
N PHE B 96 -8.69 14.90 0.38
CA PHE B 96 -8.90 15.54 1.68
C PHE B 96 -10.33 15.45 2.24
N ALA B 97 -11.26 14.84 1.50
CA ALA B 97 -12.67 14.83 1.88
C ALA B 97 -12.95 14.25 3.27
N LYS B 98 -12.16 13.25 3.66
CA LYS B 98 -12.35 12.55 4.92
C LYS B 98 -11.30 12.95 5.94
N GLU B 99 -10.55 14.01 5.62
CA GLU B 99 -9.49 14.44 6.50
C GLU B 99 -9.93 15.56 7.43
N GLU B 100 -9.06 15.86 8.38
CA GLU B 100 -9.25 16.91 9.36
C GLU B 100 -9.60 18.28 8.73
N TYR B 101 -8.86 18.69 7.71
CA TYR B 101 -9.04 20.03 7.13
C TYR B 101 -9.07 19.97 5.61
N MET B 102 -9.95 20.78 5.02
CA MET B 102 -10.18 20.81 3.58
C MET B 102 -9.55 22.03 2.92
N PRO B 103 -8.54 21.79 2.07
CA PRO B 103 -7.84 22.87 1.37
C PRO B 103 -8.77 23.74 0.52
N THR B 104 -8.74 25.05 0.76
CA THR B 104 -9.39 26.03 -0.10
C THR B 104 -8.81 25.93 -1.50
N PRO B 105 -9.54 26.50 -2.51
CA PRO B 105 -9.02 26.50 -3.88
C PRO B 105 -7.58 26.94 -3.98
N GLU B 106 -7.20 27.96 -3.23
CA GLU B 106 -5.89 28.56 -3.40
C GLU B 106 -4.77 27.67 -2.86
N GLU B 107 -4.95 27.12 -1.66
CA GLU B 107 -3.94 26.24 -1.10
C GLU B 107 -3.89 24.95 -1.91
N ALA B 108 -5.04 24.56 -2.46
CA ALA B 108 -5.09 23.44 -3.40
C ALA B 108 -4.19 23.67 -4.62
N GLU B 109 -4.24 24.87 -5.18
CA GLU B 109 -3.39 25.17 -6.33
C GLU B 109 -1.90 25.21 -5.94
N GLU B 110 -1.59 25.56 -4.69
CA GLU B 110 -0.20 25.54 -4.23
C GLU B 110 0.36 24.12 -4.23
N ILE B 111 -0.41 23.19 -3.70
CA ILE B 111 -0.06 21.78 -3.74
C ILE B 111 0.13 21.27 -5.16
N ILE B 112 -0.88 21.51 -5.99
CA ILE B 112 -0.84 21.07 -7.39
C ILE B 112 0.39 21.62 -8.12
N LYS B 113 0.74 22.88 -7.85
CA LYS B 113 1.94 23.48 -8.43
C LYS B 113 3.22 22.82 -7.92
N VAL B 114 3.31 22.54 -6.63
CA VAL B 114 4.47 21.82 -6.11
C VAL B 114 4.54 20.45 -6.78
N ILE B 115 3.40 19.78 -6.84
CA ILE B 115 3.33 18.47 -7.50
C ILE B 115 3.49 18.62 -9.03
N ASP B 116 3.26 19.82 -9.55
CA ASP B 116 3.44 20.05 -11.00
C ASP B 116 4.91 19.91 -11.43
N GLU B 117 5.86 20.07 -10.51
CA GLU B 117 7.20 19.58 -10.79
C GLU B 117 7.12 18.06 -10.62
N TYR B 118 8.23 17.35 -10.61
CA TYR B 118 8.17 15.92 -10.29
C TYR B 118 7.28 15.06 -11.22
N ARG B 119 6.17 15.61 -11.70
CA ARG B 119 5.30 14.94 -12.67
C ARG B 119 6.14 14.38 -13.83
N PRO B 120 6.04 13.06 -14.06
CA PRO B 120 6.96 12.22 -14.84
C PRO B 120 7.43 12.73 -16.21
N LEU B 121 6.64 13.55 -16.90
CA LEU B 121 6.99 14.03 -18.25
C LEU B 121 7.06 12.91 -19.29
N GLU B 122 7.21 11.67 -18.82
CA GLU B 122 7.38 10.51 -19.66
C GLU B 122 6.50 9.37 -19.16
#